data_7KOZ
#
_entry.id   7KOZ
#
_cell.length_a   42.188
_cell.length_b   90.034
_cell.length_c   105.083
_cell.angle_alpha   90.000
_cell.angle_beta   90.000
_cell.angle_gamma   90.000
#
_symmetry.space_group_name_H-M   'P 21 21 21'
#
loop_
_entity.id
_entity.type
_entity.pdbx_description
1 polymer 'T-cell surface glycoprotein CD1a'
2 polymer Beta-2-microglobulin
3 non-polymer (4S,7S,17Z)-4-hydroxy-7-[(1S,2E)-1-hydroxyhexadec-2-en-1-yl]-N,N,N-trimethyl-4,9-dioxo-3,5-dioxa-8-aza-4lambda~5~-phosphahexacos-17-en-1-aminium
4 non-polymer 1,2-ETHANEDIOL
5 non-polymer 2-acetamido-2-deoxy-beta-D-glucopyranose
6 water water
#
loop_
_entity_poly.entity_id
_entity_poly.type
_entity_poly.pdbx_seq_one_letter_code
_entity_poly.pdbx_strand_id
1 'polypeptide(L)'
;ATGLKEPLSFHVIWIASFYNHSWKQNLVSGWLSDLQTHTWDSNSSTIVFLWPWSRGNFSNEEWKELETLFRIRTIRSFEG
IRRYAHELQFEYPFEIQVTGGCELHSGKVSGSFLQLAYQGSDFVSFQNNSWLPYPVAGNMAKHFCKVLNQNQHENDITHN
LLSDTCPRFILGLLDAGKAHLQRQVKPEAWLSHGPSPGPGHLQLVCHVSGFYPKPVWVMWMRGEQEQQGTQRGDILPSAD
GTWYLRATLEVAAGEAADLSCRVKHSSLEGQDIVLYWEGSLVPRG
;
A
2 'polypeptide(L)'
;AIQRTPKIQVYSRHPAENGKSNFLNCYVSGFHPSDIEVDLLKNGERIEKVEHSDLSFSKDWSFYLLYYTEFTPTEKDEYA
CRVNHVTLSQPKIVKWDRDMGSLVPR
;
B
#
loop_
_chem_comp.id
_chem_comp.type
_chem_comp.name
_chem_comp.formula
EDO non-polymer 1,2-ETHANEDIOL 'C2 H6 O2'
NAG D-saccharide, beta linking 2-acetamido-2-deoxy-beta-D-glucopyranose 'C8 H15 N O6'
WU7 non-polymer (4S,7S,17Z)-4-hydroxy-7-[(1S,2E)-1-hydroxyhexadec-2-en-1-yl]-N,N,N-trimethyl-4,9-dioxo-3,5-dioxa-8-aza-4lambda~5~-phosphahexacos-17-en-1-aminium 'C41 H82 N2 O6 P 1'
#
# COMPACT_ATOMS: atom_id res chain seq x y z
N SER A 9 0.14 -14.01 -10.74
CA SER A 9 -0.65 -13.58 -9.60
C SER A 9 -1.39 -12.27 -9.88
N PHE A 10 -2.63 -12.38 -10.32
CA PHE A 10 -3.48 -11.23 -10.57
C PHE A 10 -4.71 -11.31 -9.68
N HIS A 11 -5.15 -10.16 -9.18
CA HIS A 11 -6.36 -10.10 -8.36
C HIS A 11 -6.99 -8.73 -8.44
N VAL A 12 -8.27 -8.66 -8.09
CA VAL A 12 -9.09 -7.45 -8.17
C VAL A 12 -9.69 -7.18 -6.80
N ILE A 13 -9.73 -5.91 -6.41
CA ILE A 13 -10.28 -5.52 -5.11
C ILE A 13 -11.43 -4.54 -5.30
N TRP A 14 -12.41 -4.65 -4.41
CA TRP A 14 -13.56 -3.75 -4.37
C TRP A 14 -13.65 -3.10 -2.99
N ILE A 15 -13.98 -1.81 -2.97
CA ILE A 15 -14.18 -1.07 -1.74
C ILE A 15 -15.51 -0.33 -1.88
N ALA A 16 -16.56 -0.88 -1.28
CA ALA A 16 -17.90 -0.31 -1.38
C ALA A 16 -18.27 0.27 -0.01
N SER A 17 -18.40 1.60 0.04
CA SER A 17 -18.74 2.30 1.27
C SER A 17 -20.20 2.73 1.20
N PHE A 18 -20.99 2.28 2.15
CA PHE A 18 -22.42 2.59 2.23
C PHE A 18 -22.64 3.54 3.41
N TYR A 19 -22.74 4.83 3.12
CA TYR A 19 -22.91 5.81 4.19
C TYR A 19 -24.37 5.90 4.62
N ASN A 20 -25.30 5.82 3.67
CA ASN A 20 -26.72 5.68 3.96
C ASN A 20 -27.39 5.04 2.75
N HIS A 21 -28.71 4.94 2.78
CA HIS A 21 -29.43 4.30 1.69
C HIS A 21 -29.35 5.09 0.38
N SER A 22 -28.98 6.37 0.44
CA SER A 22 -28.92 7.20 -0.75
C SER A 22 -27.51 7.59 -1.16
N TRP A 23 -26.49 7.29 -0.34
CA TRP A 23 -25.13 7.71 -0.60
C TRP A 23 -24.22 6.49 -0.59
N LYS A 24 -23.50 6.27 -1.68
CA LYS A 24 -22.58 5.14 -1.83
C LYS A 24 -21.24 5.63 -2.35
N GLN A 25 -20.27 4.72 -2.37
CA GLN A 25 -18.98 4.95 -3.00
C GLN A 25 -18.41 3.60 -3.40
N ASN A 26 -17.93 3.49 -4.64
CA ASN A 26 -17.42 2.24 -5.18
C ASN A 26 -16.04 2.47 -5.76
N LEU A 27 -15.04 1.81 -5.19
CA LEU A 27 -13.66 1.88 -5.66
C LEU A 27 -13.20 0.49 -6.06
N VAL A 28 -12.79 0.34 -7.32
CA VAL A 28 -12.35 -0.93 -7.87
C VAL A 28 -10.98 -0.75 -8.51
N SER A 29 -10.13 -1.77 -8.38
CA SER A 29 -8.81 -1.73 -8.99
C SER A 29 -8.32 -3.16 -9.18
N GLY A 30 -7.47 -3.34 -10.19
CA GLY A 30 -6.87 -4.63 -10.49
C GLY A 30 -5.36 -4.57 -10.32
N TRP A 31 -4.79 -5.68 -9.86
CA TRP A 31 -3.38 -5.70 -9.47
C TRP A 31 -2.69 -6.92 -10.07
N LEU A 32 -1.62 -6.67 -10.81
CA LEU A 32 -0.71 -7.72 -11.26
C LEU A 32 0.44 -7.78 -10.27
N SER A 33 0.56 -8.92 -9.57
CA SER A 33 1.57 -9.10 -8.53
C SER A 33 1.43 -8.03 -7.44
N ASP A 34 1.98 -6.85 -7.71
CA ASP A 34 1.81 -5.72 -6.78
C ASP A 34 1.69 -4.39 -7.52
N LEU A 35 1.49 -4.42 -8.84
CA LEU A 35 1.42 -3.23 -9.67
C LEU A 35 -0.02 -3.02 -10.11
N GLN A 36 -0.63 -1.92 -9.66
CA GLN A 36 -2.01 -1.63 -10.05
C GLN A 36 -2.08 -1.42 -11.56
N THR A 37 -2.87 -2.27 -12.22
CA THR A 37 -2.97 -2.25 -13.68
C THR A 37 -4.29 -1.72 -14.19
N HIS A 38 -5.35 -1.74 -13.39
CA HIS A 38 -6.66 -1.30 -13.84
C HIS A 38 -7.34 -0.49 -12.74
N THR A 39 -8.34 0.29 -13.15
CA THR A 39 -9.17 1.06 -12.24
C THR A 39 -10.54 1.21 -12.87
N TRP A 40 -11.58 1.21 -12.04
CA TRP A 40 -12.94 1.37 -12.51
C TRP A 40 -13.35 2.83 -12.41
N ASP A 41 -13.97 3.34 -13.48
CA ASP A 41 -14.53 4.68 -13.50
C ASP A 41 -16.01 4.55 -13.19
N SER A 42 -16.40 4.93 -11.96
CA SER A 42 -17.81 4.88 -11.59
C SER A 42 -18.66 5.66 -12.58
N ASN A 43 -18.21 6.84 -12.96
CA ASN A 43 -18.82 7.55 -14.06
C ASN A 43 -18.45 6.88 -15.37
N SER A 44 -19.43 6.69 -16.24
CA SER A 44 -19.29 6.12 -17.58
C SER A 44 -19.17 4.60 -17.52
N SER A 45 -18.95 4.04 -16.34
CA SER A 45 -18.85 2.59 -16.14
C SER A 45 -17.85 1.97 -17.11
N THR A 46 -16.59 2.34 -16.94
CA THR A 46 -15.52 1.92 -17.85
C THR A 46 -14.32 1.43 -17.06
N ILE A 47 -13.70 0.36 -17.54
CA ILE A 47 -12.45 -0.12 -16.98
C ILE A 47 -11.32 0.74 -17.53
N VAL A 48 -10.62 1.45 -16.65
CA VAL A 48 -9.55 2.36 -17.03
C VAL A 48 -8.24 1.59 -17.04
N PHE A 49 -7.58 1.57 -18.20
CA PHE A 49 -6.32 0.86 -18.37
C PHE A 49 -5.17 1.80 -18.00
N LEU A 50 -4.39 1.41 -16.99
CA LEU A 50 -3.33 2.28 -16.49
C LEU A 50 -2.07 2.24 -17.35
N TRP A 51 -1.86 1.19 -18.11
CA TRP A 51 -0.67 1.04 -18.93
C TRP A 51 -1.08 0.52 -20.30
N PRO A 52 -0.28 0.78 -21.33
CA PRO A 52 -0.64 0.29 -22.68
C PRO A 52 -0.78 -1.23 -22.77
N TRP A 53 -0.20 -1.97 -21.83
CA TRP A 53 -0.31 -3.42 -21.80
C TRP A 53 -1.34 -3.90 -20.78
N SER A 54 -2.24 -3.03 -20.34
CA SER A 54 -3.25 -3.45 -19.37
C SER A 54 -4.35 -4.28 -20.01
N ARG A 55 -4.62 -4.05 -21.30
CA ARG A 55 -5.65 -4.81 -22.00
C ARG A 55 -5.20 -6.21 -22.41
N GLY A 56 -3.90 -6.43 -22.60
CA GLY A 56 -3.41 -7.79 -22.79
C GLY A 56 -3.88 -8.44 -24.07
N ASN A 57 -4.20 -9.73 -23.99
CA ASN A 57 -4.59 -10.51 -25.15
C ASN A 57 -5.99 -10.18 -25.66
N PHE A 58 -6.77 -9.35 -24.96
CA PHE A 58 -8.21 -9.26 -25.19
C PHE A 58 -8.55 -8.10 -26.12
N SER A 59 -9.58 -8.31 -26.94
CA SER A 59 -10.00 -7.34 -27.94
C SER A 59 -11.00 -6.35 -27.33
N ASN A 60 -11.39 -5.35 -28.13
CA ASN A 60 -12.33 -4.34 -27.64
C ASN A 60 -13.71 -4.94 -27.36
N GLU A 61 -14.12 -5.94 -28.13
CA GLU A 61 -15.42 -6.55 -27.91
C GLU A 61 -15.45 -7.34 -26.62
N GLU A 62 -14.36 -8.05 -26.31
CA GLU A 62 -14.29 -8.82 -25.08
C GLU A 62 -14.23 -7.90 -23.86
N TRP A 63 -13.53 -6.77 -23.97
CA TRP A 63 -13.52 -5.80 -22.88
C TRP A 63 -14.88 -5.14 -22.71
N LYS A 64 -15.62 -4.93 -23.80
CA LYS A 64 -16.97 -4.39 -23.69
C LYS A 64 -17.88 -5.35 -22.94
N GLU A 65 -17.68 -6.66 -23.14
CA GLU A 65 -18.45 -7.65 -22.38
C GLU A 65 -18.01 -7.70 -20.93
N LEU A 66 -16.70 -7.65 -20.69
CA LEU A 66 -16.19 -7.62 -19.32
C LEU A 66 -16.68 -6.40 -18.58
N GLU A 67 -16.68 -5.23 -19.24
CA GLU A 67 -17.26 -4.04 -18.61
C GLU A 67 -18.74 -4.23 -18.35
N THR A 68 -19.47 -4.83 -19.30
CA THR A 68 -20.90 -5.04 -19.12
C THR A 68 -21.17 -6.06 -18.02
N LEU A 69 -20.38 -7.14 -17.96
CA LEU A 69 -20.57 -8.14 -16.91
C LEU A 69 -20.34 -7.53 -15.54
N PHE A 70 -19.25 -6.78 -15.37
CA PHE A 70 -19.02 -6.09 -14.11
C PHE A 70 -20.02 -4.97 -13.90
N ARG A 71 -20.55 -4.40 -14.98
CA ARG A 71 -21.60 -3.38 -14.85
C ARG A 71 -22.87 -3.97 -14.26
N ILE A 72 -23.30 -5.12 -14.79
CA ILE A 72 -24.53 -5.74 -14.32
C ILE A 72 -24.38 -6.24 -12.89
N ARG A 73 -23.25 -6.88 -12.58
CA ARG A 73 -23.06 -7.44 -11.25
C ARG A 73 -22.90 -6.36 -10.19
N THR A 74 -22.34 -5.21 -10.56
CA THR A 74 -22.21 -4.10 -9.60
C THR A 74 -23.56 -3.47 -9.31
N ILE A 75 -24.34 -3.17 -10.35
CA ILE A 75 -25.69 -2.64 -10.15
C ILE A 75 -26.54 -3.63 -9.38
N ARG A 76 -26.38 -4.92 -9.67
CA ARG A 76 -27.15 -5.94 -8.97
C ARG A 76 -26.70 -6.11 -7.52
N SER A 77 -25.40 -5.94 -7.26
CA SER A 77 -24.91 -6.08 -5.89
C SER A 77 -25.37 -4.91 -5.03
N PHE A 78 -25.18 -3.68 -5.50
CA PHE A 78 -25.55 -2.51 -4.71
C PHE A 78 -27.05 -2.46 -4.46
N GLU A 79 -27.86 -2.89 -5.41
CA GLU A 79 -29.31 -2.89 -5.22
C GLU A 79 -29.73 -4.01 -4.28
N GLY A 80 -29.10 -5.18 -4.40
CA GLY A 80 -29.41 -6.28 -3.50
C GLY A 80 -28.98 -6.02 -2.08
N ILE A 81 -27.89 -5.29 -1.89
CA ILE A 81 -27.44 -4.95 -0.55
C ILE A 81 -28.44 -4.04 0.14
N ARG A 82 -28.88 -2.98 -0.55
CA ARG A 82 -29.83 -2.05 0.04
C ARG A 82 -31.23 -2.64 0.16
N ARG A 83 -31.56 -3.68 -0.62
CA ARG A 83 -32.86 -4.31 -0.47
C ARG A 83 -32.90 -5.21 0.75
N TYR A 84 -31.82 -5.94 1.01
CA TYR A 84 -31.74 -6.89 2.11
C TYR A 84 -30.96 -6.36 3.31
N ALA A 85 -30.61 -5.07 3.31
CA ALA A 85 -29.76 -4.54 4.38
C ALA A 85 -30.42 -4.72 5.75
N HIS A 86 -31.73 -4.51 5.83
CA HIS A 86 -32.41 -4.66 7.12
C HIS A 86 -32.45 -6.13 7.55
N GLU A 87 -32.79 -7.04 6.62
CA GLU A 87 -32.81 -8.46 6.96
C GLU A 87 -31.42 -8.96 7.33
N LEU A 88 -30.38 -8.44 6.67
CA LEU A 88 -29.01 -8.85 6.94
C LEU A 88 -28.39 -8.14 8.12
N GLN A 89 -29.14 -7.27 8.81
CA GLN A 89 -28.65 -6.53 9.97
C GLN A 89 -27.45 -5.65 9.60
N PHE A 90 -27.43 -5.12 8.38
CA PHE A 90 -26.39 -4.19 7.95
C PHE A 90 -26.83 -2.78 8.37
N GLU A 91 -26.12 -2.20 9.33
CA GLU A 91 -26.46 -0.91 9.89
C GLU A 91 -25.55 0.17 9.30
N TYR A 92 -26.15 1.19 8.70
CA TYR A 92 -25.39 2.28 8.12
C TYR A 92 -24.71 3.09 9.22
N PRO A 93 -23.49 3.62 8.95
CA PRO A 93 -22.74 3.38 7.73
C PRO A 93 -21.90 2.12 7.83
N PHE A 94 -21.78 1.36 6.74
CA PHE A 94 -20.95 0.17 6.74
C PHE A 94 -20.12 0.11 5.47
N GLU A 95 -19.08 -0.71 5.52
CA GLU A 95 -18.13 -0.86 4.42
C GLU A 95 -17.97 -2.35 4.11
N ILE A 96 -18.01 -2.69 2.82
CA ILE A 96 -17.82 -4.05 2.36
C ILE A 96 -16.60 -4.08 1.45
N GLN A 97 -15.69 -5.02 1.70
CA GLN A 97 -14.49 -5.19 0.91
C GLN A 97 -14.50 -6.56 0.26
N VAL A 98 -14.08 -6.62 -1.00
CA VAL A 98 -14.00 -7.86 -1.76
C VAL A 98 -12.63 -7.94 -2.41
N THR A 99 -12.03 -9.12 -2.41
CA THR A 99 -10.79 -9.36 -3.14
C THR A 99 -10.84 -10.77 -3.73
N GLY A 100 -10.50 -10.87 -5.01
CA GLY A 100 -10.51 -12.14 -5.71
C GLY A 100 -9.50 -12.19 -6.84
N GLY A 101 -8.87 -13.34 -7.02
CA GLY A 101 -7.86 -13.45 -8.05
C GLY A 101 -7.40 -14.89 -8.22
N CYS A 102 -6.23 -15.04 -8.84
CA CYS A 102 -5.71 -16.36 -9.17
C CYS A 102 -4.20 -16.25 -9.41
N GLU A 103 -3.59 -17.39 -9.69
CA GLU A 103 -2.17 -17.51 -10.01
C GLU A 103 -1.88 -18.94 -10.43
N LEU A 104 -0.95 -19.10 -11.38
CA LEU A 104 -0.50 -20.42 -11.81
C LEU A 104 0.99 -20.37 -12.12
N HIS A 105 1.61 -21.55 -12.14
CA HIS A 105 3.04 -21.69 -12.33
C HIS A 105 3.85 -20.89 -11.30
N SER A 110 -0.71 -23.33 -8.46
CA SER A 110 -2.02 -22.84 -8.86
C SER A 110 -2.89 -22.52 -7.64
N GLY A 111 -3.71 -21.49 -7.77
CA GLY A 111 -4.59 -21.11 -6.68
C GLY A 111 -5.61 -20.10 -7.15
N SER A 112 -6.74 -20.07 -6.44
CA SER A 112 -7.80 -19.12 -6.72
C SER A 112 -8.51 -18.78 -5.41
N PHE A 113 -9.02 -17.56 -5.33
CA PHE A 113 -9.66 -17.11 -4.10
C PHE A 113 -10.68 -16.04 -4.42
N LEU A 114 -11.60 -15.84 -3.47
CA LEU A 114 -12.57 -14.76 -3.53
C LEU A 114 -13.15 -14.55 -2.13
N GLN A 115 -12.80 -13.45 -1.49
CA GLN A 115 -13.13 -13.20 -0.10
C GLN A 115 -13.90 -11.90 0.03
N LEU A 116 -14.83 -11.87 0.98
CA LEU A 116 -15.64 -10.69 1.25
C LEU A 116 -15.61 -10.38 2.74
N ALA A 117 -15.48 -9.10 3.06
CA ALA A 117 -15.44 -8.64 4.44
C ALA A 117 -16.54 -7.60 4.68
N TYR A 118 -17.12 -7.65 5.87
CA TYR A 118 -18.08 -6.66 6.34
C TYR A 118 -17.51 -5.96 7.56
N GLN A 119 -17.44 -4.63 7.49
CA GLN A 119 -16.84 -3.81 8.54
C GLN A 119 -15.43 -4.28 8.88
N GLY A 120 -14.71 -4.74 7.86
CA GLY A 120 -13.31 -5.10 8.01
C GLY A 120 -13.03 -6.43 8.67
N SER A 121 -14.00 -7.34 8.70
CA SER A 121 -13.81 -8.66 9.26
C SER A 121 -14.29 -9.72 8.27
N ASP A 122 -13.67 -10.89 8.32
CA ASP A 122 -14.07 -12.00 7.46
C ASP A 122 -15.56 -12.27 7.58
N PHE A 123 -16.24 -12.24 6.44
CA PHE A 123 -17.70 -12.43 6.42
C PHE A 123 -18.07 -13.69 5.65
N VAL A 124 -17.87 -13.71 4.32
CA VAL A 124 -18.14 -14.87 3.50
C VAL A 124 -16.98 -15.05 2.53
N SER A 125 -16.94 -16.22 1.89
CA SER A 125 -15.93 -16.50 0.87
C SER A 125 -16.51 -17.50 -0.11
N PHE A 126 -15.94 -17.50 -1.32
CA PHE A 126 -16.35 -18.38 -2.39
C PHE A 126 -15.44 -19.61 -2.41
N GLN A 127 -16.04 -20.79 -2.38
CA GLN A 127 -15.31 -22.05 -2.36
C GLN A 127 -15.83 -22.93 -3.49
N ASN A 128 -15.00 -23.06 -4.55
CA ASN A 128 -15.30 -23.94 -5.68
C ASN A 128 -16.53 -23.51 -6.45
N ASN A 129 -17.71 -23.58 -5.84
CA ASN A 129 -18.94 -23.40 -6.59
C ASN A 129 -20.01 -22.59 -5.85
N SER A 130 -19.79 -22.19 -4.61
CA SER A 130 -20.82 -21.46 -3.88
C SER A 130 -20.16 -20.63 -2.79
N TRP A 131 -20.96 -19.78 -2.16
CA TRP A 131 -20.49 -18.91 -1.09
C TRP A 131 -20.67 -19.60 0.25
N LEU A 132 -19.59 -19.73 1.00
CA LEU A 132 -19.65 -20.29 2.34
C LEU A 132 -19.50 -19.18 3.36
N PRO A 133 -20.35 -19.15 4.39
CA PRO A 133 -20.18 -18.13 5.42
C PRO A 133 -19.05 -18.50 6.37
N TYR A 134 -18.31 -17.50 6.81
CA TYR A 134 -17.34 -17.72 7.87
C TYR A 134 -18.10 -17.98 9.15
N PRO A 135 -17.88 -19.13 9.81
CA PRO A 135 -18.69 -19.46 11.00
C PRO A 135 -18.72 -18.38 12.07
N VAL A 136 -17.62 -17.65 12.30
CA VAL A 136 -17.65 -16.60 13.30
C VAL A 136 -18.56 -15.45 12.92
N ALA A 137 -18.80 -15.24 11.62
CA ALA A 137 -19.65 -14.15 11.20
C ALA A 137 -21.12 -14.38 11.51
N GLY A 138 -21.48 -15.56 12.02
CA GLY A 138 -22.80 -15.77 12.58
C GLY A 138 -23.90 -15.97 11.55
N ASN A 139 -25.13 -15.73 12.00
CA ASN A 139 -26.30 -15.98 11.17
C ASN A 139 -26.39 -14.99 10.01
N MET A 140 -26.01 -13.74 10.23
CA MET A 140 -26.14 -12.73 9.19
C MET A 140 -25.28 -13.05 7.97
N ALA A 141 -24.19 -13.79 8.16
CA ALA A 141 -23.40 -14.24 7.01
C ALA A 141 -24.03 -15.46 6.34
N LYS A 142 -24.76 -16.29 7.10
CA LYS A 142 -25.49 -17.38 6.48
C LYS A 142 -26.67 -16.85 5.68
N HIS A 143 -27.37 -15.84 6.21
CA HIS A 143 -28.40 -15.17 5.44
C HIS A 143 -27.83 -14.55 4.17
N PHE A 144 -26.59 -14.04 4.25
CA PHE A 144 -25.96 -13.43 3.09
C PHE A 144 -25.65 -14.48 2.03
N CYS A 145 -25.20 -15.67 2.44
CA CYS A 145 -24.93 -16.73 1.49
C CYS A 145 -26.20 -17.28 0.86
N LYS A 146 -27.33 -17.21 1.58
CA LYS A 146 -28.60 -17.61 1.00
C LYS A 146 -28.96 -16.72 -0.19
N VAL A 147 -28.62 -15.43 -0.10
CA VAL A 147 -28.92 -14.51 -1.19
C VAL A 147 -27.86 -14.61 -2.29
N LEU A 148 -26.61 -14.85 -1.91
CA LEU A 148 -25.55 -14.98 -2.91
C LEU A 148 -25.68 -16.28 -3.70
N ASN A 149 -26.16 -17.36 -3.06
CA ASN A 149 -26.29 -18.65 -3.70
C ASN A 149 -27.68 -18.88 -4.29
N GLN A 150 -28.52 -17.86 -4.37
CA GLN A 150 -29.87 -18.04 -4.88
C GLN A 150 -29.89 -18.46 -6.34
N ASN A 151 -28.86 -18.06 -7.10
CA ASN A 151 -28.76 -18.38 -8.52
C ASN A 151 -27.47 -19.14 -8.75
N GLN A 152 -27.58 -20.45 -9.00
CA GLN A 152 -26.39 -21.27 -9.19
C GLN A 152 -25.68 -20.94 -10.50
N HIS A 153 -26.41 -20.47 -11.51
CA HIS A 153 -25.77 -20.08 -12.76
C HIS A 153 -24.82 -18.91 -12.55
N GLU A 154 -25.18 -17.99 -11.65
CA GLU A 154 -24.27 -16.89 -11.33
C GLU A 154 -23.05 -17.37 -10.57
N ASN A 155 -23.21 -18.39 -9.72
CA ASN A 155 -22.06 -18.96 -9.03
C ASN A 155 -21.17 -19.75 -9.99
N ASP A 156 -21.75 -20.33 -11.04
CA ASP A 156 -20.94 -20.99 -12.05
C ASP A 156 -20.13 -19.99 -12.87
N ILE A 157 -20.75 -18.84 -13.20
CA ILE A 157 -20.03 -17.78 -13.89
C ILE A 157 -18.90 -17.26 -13.01
N THR A 158 -19.16 -17.07 -11.72
CA THR A 158 -18.12 -16.63 -10.80
C THR A 158 -16.98 -17.64 -10.73
N HIS A 159 -17.31 -18.93 -10.77
CA HIS A 159 -16.29 -19.97 -10.79
C HIS A 159 -15.38 -19.82 -12.01
N ASN A 160 -15.98 -19.65 -13.20
CA ASN A 160 -15.19 -19.57 -14.42
C ASN A 160 -14.38 -18.29 -14.49
N LEU A 161 -14.87 -17.21 -13.86
CA LEU A 161 -14.08 -15.99 -13.79
C LEU A 161 -12.79 -16.22 -13.01
N LEU A 162 -12.84 -17.06 -11.98
CA LEU A 162 -11.67 -17.32 -11.15
C LEU A 162 -10.76 -18.39 -11.75
N SER A 163 -11.35 -19.50 -12.21
CA SER A 163 -10.56 -20.63 -12.67
C SER A 163 -10.13 -20.52 -14.13
N ASP A 164 -10.91 -19.85 -14.97
CA ASP A 164 -10.64 -19.78 -16.41
C ASP A 164 -10.27 -18.39 -16.87
N THR A 165 -11.14 -17.40 -16.67
CA THR A 165 -10.90 -16.06 -17.20
C THR A 165 -9.70 -15.40 -16.53
N CYS A 166 -9.51 -15.64 -15.23
CA CYS A 166 -8.40 -15.00 -14.52
C CYS A 166 -7.05 -15.53 -14.98
N PRO A 167 -6.79 -16.85 -15.03
CA PRO A 167 -5.48 -17.30 -15.53
C PRO A 167 -5.24 -16.94 -16.98
N ARG A 168 -6.31 -16.87 -17.79
CA ARG A 168 -6.14 -16.42 -19.17
C ARG A 168 -5.73 -14.96 -19.24
N PHE A 169 -6.17 -14.14 -18.28
CA PHE A 169 -5.75 -12.74 -18.27
C PHE A 169 -4.28 -12.60 -17.88
N ILE A 170 -3.79 -13.49 -17.01
CA ILE A 170 -2.37 -13.48 -16.67
C ILE A 170 -1.52 -13.81 -17.90
N LEU A 171 -1.98 -14.76 -18.71
CA LEU A 171 -1.22 -15.19 -19.88
C LEU A 171 -0.92 -14.04 -20.82
N GLY A 172 -1.96 -13.43 -21.38
CA GLY A 172 -1.77 -12.33 -22.31
C GLY A 172 -1.21 -11.06 -21.72
N LEU A 173 -0.98 -11.03 -20.41
CA LEU A 173 -0.51 -9.83 -19.72
C LEU A 173 0.81 -10.04 -18.99
N LEU A 174 0.94 -11.11 -18.20
CA LEU A 174 2.20 -11.39 -17.52
C LEU A 174 3.31 -11.76 -18.49
N ASP A 175 2.98 -12.08 -19.75
CA ASP A 175 4.01 -12.27 -20.76
C ASP A 175 4.32 -10.98 -21.50
N ALA A 176 3.30 -10.17 -21.78
CA ALA A 176 3.52 -8.90 -22.47
C ALA A 176 4.28 -7.92 -21.58
N GLY A 177 3.88 -7.80 -20.32
CA GLY A 177 4.54 -6.88 -19.41
C GLY A 177 5.50 -7.56 -18.46
N LYS A 178 6.02 -8.72 -18.87
CA LYS A 178 6.95 -9.46 -18.01
C LYS A 178 8.22 -8.68 -17.73
N ALA A 179 8.65 -7.82 -18.67
CA ALA A 179 9.92 -7.13 -18.52
C ALA A 179 9.92 -6.21 -17.30
N HIS A 180 8.79 -5.56 -17.03
CA HIS A 180 8.74 -4.60 -15.93
C HIS A 180 8.86 -5.30 -14.57
N LEU A 181 8.28 -6.49 -14.43
CA LEU A 181 8.37 -7.23 -13.18
C LEU A 181 9.76 -7.77 -12.93
N GLN A 182 10.58 -7.92 -13.97
CA GLN A 182 11.96 -8.39 -13.84
C GLN A 182 12.97 -7.27 -13.97
N ARG A 183 12.51 -6.01 -13.99
CA ARG A 183 13.42 -4.87 -14.05
C ARG A 183 14.26 -4.79 -12.78
N GLN A 184 15.52 -4.45 -12.93
CA GLN A 184 16.45 -4.29 -11.81
C GLN A 184 16.84 -2.82 -11.70
N VAL A 185 16.46 -2.20 -10.59
CA VAL A 185 16.71 -0.79 -10.35
C VAL A 185 17.59 -0.66 -9.12
N LYS A 186 18.75 -0.04 -9.28
CA LYS A 186 19.72 0.03 -8.20
C LYS A 186 19.25 0.99 -7.12
N PRO A 187 19.43 0.67 -5.85
CA PRO A 187 19.06 1.58 -4.77
C PRO A 187 20.09 2.68 -4.59
N GLU A 188 19.65 3.76 -3.95
CA GLU A 188 20.54 4.72 -3.34
C GLU A 188 20.35 4.67 -1.83
N ALA A 189 21.34 5.16 -1.10
CA ALA A 189 21.32 5.05 0.35
C ALA A 189 21.98 6.28 0.96
N TRP A 190 21.53 6.64 2.16
CA TRP A 190 22.16 7.71 2.91
C TRP A 190 21.92 7.48 4.40
N LEU A 191 22.68 8.23 5.21
CA LEU A 191 22.67 8.09 6.66
C LEU A 191 22.20 9.38 7.30
N SER A 192 21.52 9.26 8.45
CA SER A 192 21.06 10.43 9.18
C SER A 192 20.88 10.07 10.65
N HIS A 193 20.78 11.10 11.48
CA HIS A 193 20.41 10.93 12.87
C HIS A 193 18.91 10.67 12.98
N GLY A 194 18.54 9.83 13.94
CA GLY A 194 17.15 9.58 14.22
C GLY A 194 16.68 10.38 15.42
N PRO A 195 15.36 10.56 15.54
CA PRO A 195 14.83 11.21 16.74
C PRO A 195 14.48 10.21 17.82
N SER A 196 13.96 10.71 18.94
CA SER A 196 13.50 9.88 20.05
C SER A 196 14.49 8.78 20.46
N PRO A 197 15.71 9.14 20.86
CA PRO A 197 16.61 8.12 21.42
C PRO A 197 16.55 8.12 22.93
N GLY A 198 17.12 7.09 23.55
CA GLY A 198 17.24 7.07 25.00
C GLY A 198 18.24 8.08 25.48
N PRO A 199 18.15 8.48 26.74
CA PRO A 199 19.11 9.45 27.28
C PRO A 199 20.54 8.94 27.16
N GLY A 200 21.42 9.77 26.61
CA GLY A 200 22.79 9.37 26.37
C GLY A 200 22.97 8.40 25.23
N HIS A 201 21.95 8.21 24.38
CA HIS A 201 22.02 7.31 23.24
C HIS A 201 21.75 8.07 21.95
N LEU A 202 22.17 7.46 20.85
CA LEU A 202 21.91 7.97 19.51
C LEU A 202 21.10 6.94 18.74
N GLN A 203 20.34 7.42 17.75
CA GLN A 203 19.65 6.55 16.80
C GLN A 203 20.27 6.79 15.43
N LEU A 204 20.98 5.79 14.93
CA LEU A 204 21.59 5.85 13.61
C LEU A 204 20.62 5.29 12.59
N VAL A 205 20.34 6.07 11.54
CA VAL A 205 19.33 5.71 10.55
C VAL A 205 20.02 5.51 9.21
N CYS A 206 19.80 4.34 8.61
CA CYS A 206 20.27 4.03 7.27
C CYS A 206 19.06 3.97 6.35
N HIS A 207 18.97 4.89 5.40
CA HIS A 207 17.90 4.92 4.42
C HIS A 207 18.33 4.17 3.17
N VAL A 208 17.42 3.38 2.62
CA VAL A 208 17.62 2.69 1.35
C VAL A 208 16.41 2.99 0.48
N SER A 209 16.63 3.61 -0.67
CA SER A 209 15.55 4.18 -1.47
C SER A 209 15.72 3.86 -2.94
N GLY A 210 14.60 3.70 -3.63
CA GLY A 210 14.60 3.60 -5.08
C GLY A 210 15.02 2.26 -5.64
N PHE A 211 14.90 1.18 -4.88
CA PHE A 211 15.30 -0.13 -5.36
C PHE A 211 14.10 -0.93 -5.86
N TYR A 212 14.38 -1.87 -6.76
CA TYR A 212 13.40 -2.80 -7.30
C TYR A 212 14.13 -4.01 -7.87
N PRO A 213 13.64 -5.24 -7.61
CA PRO A 213 12.41 -5.55 -6.86
C PRO A 213 12.56 -5.42 -5.34
N LYS A 214 11.51 -5.88 -4.63
CA LYS A 214 11.31 -5.66 -3.20
C LYS A 214 12.36 -6.29 -2.28
N PRO A 215 12.81 -7.53 -2.51
CA PRO A 215 13.75 -8.14 -1.56
C PRO A 215 15.05 -7.33 -1.45
N VAL A 216 15.46 -7.07 -0.21
CA VAL A 216 16.63 -6.24 0.06
C VAL A 216 17.23 -6.65 1.40
N TRP A 217 18.55 -6.46 1.52
CA TRP A 217 19.31 -6.79 2.72
C TRP A 217 20.01 -5.52 3.20
N VAL A 218 19.83 -5.19 4.47
CA VAL A 218 20.46 -4.00 5.04
C VAL A 218 20.71 -4.23 6.52
N MET A 219 21.95 -3.95 6.95
CA MET A 219 22.35 -4.17 8.33
C MET A 219 23.40 -3.13 8.71
N TRP A 220 23.32 -2.65 9.95
CA TRP A 220 24.41 -1.88 10.50
C TRP A 220 25.56 -2.83 10.84
N MET A 221 26.78 -2.38 10.59
CA MET A 221 27.96 -3.23 10.71
C MET A 221 28.99 -2.57 11.60
N ARG A 222 29.79 -3.40 12.26
CA ARG A 222 31.06 -3.00 12.87
C ARG A 222 32.11 -3.83 12.13
N GLY A 223 32.63 -3.26 11.05
CA GLY A 223 33.49 -4.03 10.17
C GLY A 223 32.70 -5.17 9.55
N GLU A 224 33.09 -6.40 9.85
CA GLU A 224 32.43 -7.60 9.33
C GLU A 224 31.39 -8.16 10.29
N GLN A 225 31.23 -7.58 11.47
CA GLN A 225 30.27 -8.06 12.46
C GLN A 225 28.94 -7.35 12.27
N GLU A 226 27.90 -8.12 11.92
CA GLU A 226 26.57 -7.55 11.84
C GLU A 226 26.11 -7.10 13.22
N GLN A 227 25.54 -5.90 13.28
CA GLN A 227 25.02 -5.34 14.53
C GLN A 227 23.57 -5.80 14.67
N GLN A 228 23.33 -6.74 15.58
CA GLN A 228 22.01 -7.35 15.70
C GLN A 228 20.98 -6.44 16.34
N GLY A 229 21.40 -5.26 16.81
CA GLY A 229 20.44 -4.24 17.21
C GLY A 229 19.77 -3.53 16.07
N THR A 230 20.15 -3.85 14.83
CA THR A 230 19.54 -3.22 13.65
C THR A 230 18.04 -3.47 13.64
N GLN A 231 17.28 -2.38 13.69
CA GLN A 231 15.81 -2.46 13.59
C GLN A 231 15.40 -2.09 12.17
N ARG A 232 14.99 -3.09 11.40
CA ARG A 232 14.59 -2.89 10.02
C ARG A 232 13.11 -2.51 9.98
N GLY A 233 12.81 -1.38 9.35
CA GLY A 233 11.45 -0.88 9.29
C GLY A 233 10.61 -1.63 8.27
N ASP A 234 9.45 -1.07 7.99
CA ASP A 234 8.60 -1.58 6.92
C ASP A 234 9.13 -1.11 5.57
N ILE A 235 8.96 -1.97 4.56
CA ILE A 235 9.28 -1.57 3.19
C ILE A 235 8.12 -0.76 2.65
N LEU A 236 8.38 0.50 2.32
CA LEU A 236 7.32 1.42 1.94
C LEU A 236 7.35 1.70 0.45
N PRO A 237 6.19 1.85 -0.18
CA PRO A 237 6.17 2.05 -1.63
C PRO A 237 6.54 3.48 -2.01
N SER A 238 7.06 3.61 -3.23
CA SER A 238 7.32 4.90 -3.84
C SER A 238 6.51 4.99 -5.12
N ALA A 239 6.00 6.18 -5.43
CA ALA A 239 5.08 6.34 -6.54
C ALA A 239 5.73 6.13 -7.90
N ASP A 240 7.06 6.03 -7.97
CA ASP A 240 7.75 5.70 -9.21
C ASP A 240 7.92 4.21 -9.40
N GLY A 241 7.28 3.38 -8.58
CA GLY A 241 7.37 1.95 -8.71
C GLY A 241 8.52 1.29 -7.96
N THR A 242 9.26 2.05 -7.16
CA THR A 242 10.37 1.51 -6.38
C THR A 242 9.98 1.47 -4.90
N TRP A 243 10.91 1.01 -4.07
CA TRP A 243 10.66 0.79 -2.66
C TRP A 243 11.62 1.60 -1.80
N TYR A 244 11.25 1.74 -0.52
CA TYR A 244 12.00 2.50 0.45
C TYR A 244 12.02 1.73 1.76
N LEU A 245 13.13 1.84 2.49
CA LEU A 245 13.28 1.13 3.76
C LEU A 245 14.22 1.91 4.66
N ARG A 246 13.91 1.92 5.96
CA ARG A 246 14.77 2.49 6.98
C ARG A 246 15.25 1.39 7.92
N ALA A 247 16.54 1.43 8.25
CA ALA A 247 17.14 0.51 9.21
C ALA A 247 17.83 1.35 10.29
N THR A 248 17.37 1.20 11.53
CA THR A 248 17.85 2.02 12.64
C THR A 248 18.65 1.18 13.63
N LEU A 249 19.63 1.82 14.25
CA LEU A 249 20.44 1.23 15.30
C LEU A 249 20.60 2.24 16.42
N GLU A 250 20.27 1.82 17.64
CA GLU A 250 20.44 2.66 18.82
C GLU A 250 21.75 2.29 19.52
N VAL A 251 22.60 3.28 19.75
CA VAL A 251 23.92 3.06 20.31
C VAL A 251 24.17 4.07 21.42
N ALA A 252 25.01 3.68 22.37
CA ALA A 252 25.48 4.64 23.36
C ALA A 252 26.33 5.70 22.67
N ALA A 253 26.26 6.93 23.19
CA ALA A 253 26.84 8.08 22.50
C ALA A 253 28.33 7.93 22.24
N GLY A 254 29.02 7.09 23.01
CA GLY A 254 30.45 6.91 22.80
C GLY A 254 30.79 5.78 21.86
N GLU A 255 29.93 4.76 21.79
CA GLU A 255 30.18 3.55 21.04
C GLU A 255 29.82 3.66 19.56
N ALA A 256 29.64 4.87 19.04
CA ALA A 256 29.24 5.05 17.65
C ALA A 256 30.40 4.98 16.68
N ALA A 257 31.56 4.46 17.09
CA ALA A 257 32.75 4.46 16.26
C ALA A 257 32.81 3.18 15.41
N ASP A 258 33.36 3.34 14.20
CA ASP A 258 33.58 2.25 13.25
C ASP A 258 32.28 1.62 12.76
N LEU A 259 31.15 2.30 12.91
CA LEU A 259 29.88 1.77 12.45
C LEU A 259 29.63 2.13 11.00
N SER A 260 28.99 1.21 10.28
CA SER A 260 28.72 1.39 8.86
C SER A 260 27.45 0.65 8.49
N CYS A 261 26.78 1.12 7.44
CA CYS A 261 25.60 0.47 6.91
C CYS A 261 25.95 -0.23 5.61
N ARG A 262 25.52 -1.48 5.47
CA ARG A 262 25.79 -2.29 4.30
C ARG A 262 24.47 -2.71 3.66
N VAL A 263 24.34 -2.49 2.36
CA VAL A 263 23.14 -2.80 1.61
C VAL A 263 23.47 -3.82 0.54
N LYS A 264 22.71 -4.92 0.50
CA LYS A 264 22.81 -5.92 -0.54
C LYS A 264 21.51 -5.93 -1.34
N HIS A 265 21.62 -5.92 -2.66
CA HIS A 265 20.45 -5.95 -3.52
C HIS A 265 20.82 -6.64 -4.84
N SER A 266 19.85 -7.37 -5.39
CA SER A 266 20.08 -8.16 -6.59
C SER A 266 20.61 -7.32 -7.75
N SER A 267 20.22 -6.05 -7.81
CA SER A 267 20.65 -5.18 -8.90
C SER A 267 22.12 -4.80 -8.80
N LEU A 268 22.73 -4.93 -7.62
CA LEU A 268 24.12 -4.54 -7.42
C LEU A 268 25.11 -5.63 -7.81
N GLU A 269 24.65 -6.88 -7.95
CA GLU A 269 25.49 -8.00 -8.36
C GLU A 269 26.69 -8.16 -7.42
N GLY A 270 26.42 -8.21 -6.13
CA GLY A 270 27.45 -8.40 -5.13
C GLY A 270 28.23 -7.16 -4.76
N GLN A 271 28.03 -6.04 -5.45
CA GLN A 271 28.73 -4.80 -5.14
C GLN A 271 27.90 -4.01 -4.13
N ASP A 272 28.05 -4.38 -2.87
CA ASP A 272 27.24 -3.81 -1.81
C ASP A 272 27.49 -2.32 -1.65
N ILE A 273 26.44 -1.61 -1.26
CA ILE A 273 26.58 -0.22 -0.82
C ILE A 273 27.04 -0.24 0.63
N VAL A 274 28.13 0.47 0.92
CA VAL A 274 28.67 0.57 2.27
C VAL A 274 28.85 2.05 2.59
N LEU A 275 28.13 2.55 3.58
CA LEU A 275 28.23 3.92 4.04
C LEU A 275 28.72 3.93 5.47
N TYR A 276 29.57 4.89 5.81
CA TYR A 276 30.24 4.94 7.09
C TYR A 276 29.72 6.11 7.92
N TRP A 277 29.43 5.85 9.20
CA TRP A 277 29.05 6.90 10.13
C TRP A 277 30.26 7.79 10.36
N GLU A 278 30.32 8.89 9.64
CA GLU A 278 31.56 9.63 9.49
C GLU A 278 31.25 11.05 9.05
N GLY A 279 32.21 11.94 9.24
CA GLY A 279 32.08 13.33 8.82
C GLY A 279 31.33 14.18 9.82
N SER A 280 30.41 15.01 9.33
CA SER A 280 29.58 15.82 10.22
C SER A 280 28.62 14.98 11.04
N LEU A 281 28.48 13.69 10.73
CA LEU A 281 27.57 12.84 11.50
C LEU A 281 28.11 12.55 12.89
N VAL A 282 29.43 12.41 13.02
CA VAL A 282 30.04 11.96 14.27
C VAL A 282 29.86 13.00 15.37
N PRO A 283 30.30 14.26 15.21
CA PRO A 283 31.03 14.95 14.13
C PRO A 283 32.53 14.99 14.37
N ARG A 284 33.31 15.07 13.30
CA ARG A 284 34.76 15.04 13.41
C ARG A 284 35.30 16.44 13.75
N GLY A 285 36.62 16.52 13.92
CA GLY A 285 37.27 17.76 14.25
C GLY A 285 38.47 18.06 13.38
N ILE B 2 -14.56 -3.85 14.08
CA ILE B 2 -14.18 -2.72 14.91
C ILE B 2 -13.24 -1.81 14.12
N GLN B 3 -12.84 -0.69 14.72
CA GLN B 3 -12.01 0.30 14.06
C GLN B 3 -10.53 0.07 14.38
N ARG B 4 -9.67 0.67 13.56
CA ARG B 4 -8.23 0.53 13.70
C ARG B 4 -7.56 1.87 13.40
N THR B 5 -6.63 2.27 14.26
CA THR B 5 -6.00 3.57 14.16
C THR B 5 -4.87 3.56 13.12
N PRO B 6 -4.70 4.63 12.37
CA PRO B 6 -3.72 4.61 11.27
C PRO B 6 -2.29 4.74 11.75
N LYS B 7 -1.40 4.03 11.06
CA LYS B 7 0.04 4.18 11.22
C LYS B 7 0.54 5.16 10.18
N ILE B 8 1.39 6.09 10.60
CA ILE B 8 1.81 7.22 9.77
C ILE B 8 3.33 7.23 9.68
N GLN B 9 3.85 7.12 8.46
CA GLN B 9 5.29 7.05 8.22
C GLN B 9 5.67 8.02 7.11
N VAL B 10 6.62 8.90 7.40
CA VAL B 10 7.04 9.97 6.49
C VAL B 10 8.47 9.69 6.05
N TYR B 11 8.76 9.99 4.78
CA TYR B 11 10.09 9.77 4.23
C TYR B 11 10.23 10.57 2.94
N SER B 12 11.46 10.94 2.62
CA SER B 12 11.79 11.58 1.35
C SER B 12 12.39 10.56 0.41
N ARG B 13 12.20 10.81 -0.90
CA ARG B 13 12.66 9.86 -1.90
C ARG B 13 14.18 9.90 -2.06
N HIS B 14 14.77 11.09 -1.94
CA HIS B 14 16.21 11.29 -2.02
C HIS B 14 16.71 11.91 -0.73
N PRO B 15 18.02 11.86 -0.47
CA PRO B 15 18.56 12.56 0.70
C PRO B 15 18.27 14.05 0.61
N ALA B 16 18.00 14.66 1.76
CA ALA B 16 17.69 16.08 1.79
C ALA B 16 18.90 16.90 1.38
N GLU B 17 18.73 17.72 0.34
CA GLU B 17 19.77 18.62 -0.12
C GLU B 17 19.13 19.96 -0.44
N ASN B 18 19.56 21.01 0.26
CA ASN B 18 18.94 22.32 0.12
C ASN B 18 19.05 22.83 -1.31
N GLY B 19 17.91 23.15 -1.91
CA GLY B 19 17.87 23.65 -3.27
C GLY B 19 17.63 22.60 -4.34
N LYS B 20 17.66 21.32 -3.98
CA LYS B 20 17.46 20.23 -4.94
C LYS B 20 16.06 19.66 -4.78
N SER B 21 15.35 19.55 -5.90
CA SER B 21 14.00 19.01 -5.87
C SER B 21 14.01 17.57 -5.37
N ASN B 22 12.92 17.20 -4.70
CA ASN B 22 12.82 15.92 -4.02
C ASN B 22 11.35 15.51 -4.01
N PHE B 23 11.06 14.37 -3.36
CA PHE B 23 9.69 13.91 -3.19
C PHE B 23 9.46 13.58 -1.73
N LEU B 24 8.44 14.20 -1.13
CA LEU B 24 8.04 13.95 0.24
C LEU B 24 6.89 12.96 0.24
N ASN B 25 6.97 11.94 1.09
CA ASN B 25 5.99 10.86 1.13
C ASN B 25 5.41 10.72 2.52
N CYS B 26 4.11 10.45 2.57
CA CYS B 26 3.42 10.06 3.81
C CYS B 26 2.63 8.79 3.52
N TYR B 27 3.07 7.68 4.11
CA TYR B 27 2.42 6.39 3.94
C TYR B 27 1.55 6.11 5.16
N VAL B 28 0.24 6.03 4.95
CA VAL B 28 -0.73 5.81 6.01
C VAL B 28 -1.31 4.41 5.82
N SER B 29 -1.33 3.62 6.89
CA SER B 29 -1.68 2.21 6.76
C SER B 29 -2.32 1.70 8.03
N GLY B 30 -2.99 0.55 7.90
CA GLY B 30 -3.53 -0.15 9.04
C GLY B 30 -4.77 0.46 9.66
N PHE B 31 -5.48 1.30 8.92
CA PHE B 31 -6.65 1.98 9.48
C PHE B 31 -7.95 1.41 8.93
N HIS B 32 -9.01 1.64 9.70
CA HIS B 32 -10.38 1.25 9.36
C HIS B 32 -11.34 2.09 10.20
N PRO B 33 -12.39 2.67 9.61
CA PRO B 33 -12.76 2.61 8.18
C PRO B 33 -11.88 3.46 7.28
N SER B 34 -12.17 3.45 5.98
CA SER B 34 -11.30 4.08 4.98
C SER B 34 -11.41 5.60 4.96
N ASP B 35 -12.41 6.19 5.59
CA ASP B 35 -12.56 7.64 5.57
C ASP B 35 -11.45 8.27 6.39
N ILE B 36 -10.64 9.10 5.73
CA ILE B 36 -9.45 9.66 6.36
C ILE B 36 -9.10 10.96 5.64
N GLU B 37 -8.50 11.89 6.38
CA GLU B 37 -8.03 13.16 5.85
C GLU B 37 -6.53 13.26 6.10
N VAL B 38 -5.75 13.37 5.03
CA VAL B 38 -4.29 13.45 5.12
C VAL B 38 -3.83 14.72 4.42
N ASP B 39 -3.00 15.50 5.11
CA ASP B 39 -2.43 16.72 4.56
C ASP B 39 -0.91 16.68 4.74
N LEU B 40 -0.20 17.22 3.75
CA LEU B 40 1.23 17.45 3.86
C LEU B 40 1.46 18.91 4.22
N LEU B 41 2.25 19.14 5.26
CA LEU B 41 2.46 20.48 5.80
C LEU B 41 3.85 21.00 5.46
N LYS B 42 3.91 22.27 5.07
CA LYS B 42 5.15 23.01 4.89
C LYS B 42 5.12 24.19 5.84
N ASN B 43 5.96 24.15 6.87
CA ASN B 43 6.03 25.20 7.89
C ASN B 43 4.67 25.44 8.54
N GLY B 44 3.89 24.38 8.72
CA GLY B 44 2.60 24.48 9.38
C GLY B 44 1.42 24.74 8.47
N GLU B 45 1.65 25.13 7.22
CA GLU B 45 0.56 25.40 6.29
C GLU B 45 0.41 24.25 5.30
N ARG B 46 -0.84 24.02 4.90
CA ARG B 46 -1.15 22.89 4.04
C ARG B 46 -0.59 23.09 2.64
N ILE B 47 -0.06 22.01 2.07
CA ILE B 47 0.49 22.03 0.72
C ILE B 47 -0.61 21.65 -0.26
N GLU B 48 -0.88 22.54 -1.21
CA GLU B 48 -1.78 22.22 -2.31
C GLU B 48 -1.07 21.31 -3.31
N LYS B 49 -1.85 20.70 -4.20
CA LYS B 49 -1.32 19.81 -5.23
C LYS B 49 -0.50 18.69 -4.57
N VAL B 50 -1.23 17.82 -3.89
CA VAL B 50 -0.67 16.61 -3.29
C VAL B 50 -1.35 15.42 -3.92
N GLU B 51 -0.55 14.50 -4.48
CA GLU B 51 -1.07 13.29 -5.07
C GLU B 51 -1.17 12.19 -4.01
N HIS B 52 -2.07 11.25 -4.25
CA HIS B 52 -2.15 10.05 -3.43
C HIS B 52 -2.53 8.87 -4.30
N SER B 53 -2.02 7.69 -3.92
CA SER B 53 -2.31 6.47 -4.66
C SER B 53 -3.76 6.06 -4.48
N ASP B 54 -4.19 5.10 -5.28
CA ASP B 54 -5.53 4.56 -5.14
C ASP B 54 -5.64 3.76 -3.84
N LEU B 55 -6.78 3.89 -3.17
CA LEU B 55 -7.00 3.19 -1.92
C LEU B 55 -6.88 1.68 -2.12
N SER B 56 -6.25 1.02 -1.15
CA SER B 56 -6.05 -0.42 -1.17
C SER B 56 -6.13 -0.93 0.26
N PHE B 57 -6.03 -2.25 0.43
CA PHE B 57 -6.05 -2.82 1.78
C PHE B 57 -5.16 -4.05 1.83
N SER B 58 -4.80 -4.43 3.06
CA SER B 58 -3.90 -5.54 3.31
C SER B 58 -4.70 -6.84 3.47
N LYS B 59 -4.01 -7.91 3.86
CA LYS B 59 -4.68 -9.20 4.06
C LYS B 59 -5.65 -9.16 5.23
N ASP B 60 -5.37 -8.35 6.24
CA ASP B 60 -6.27 -8.21 7.38
C ASP B 60 -7.38 -7.18 7.14
N TRP B 61 -7.55 -6.75 5.89
CA TRP B 61 -8.57 -5.82 5.43
C TRP B 61 -8.34 -4.37 5.87
N SER B 62 -7.22 -4.07 6.54
CA SER B 62 -6.93 -2.69 6.91
C SER B 62 -6.43 -1.92 5.70
N PHE B 63 -6.85 -0.66 5.59
CA PHE B 63 -6.56 0.16 4.42
C PHE B 63 -5.18 0.80 4.49
N TYR B 64 -4.66 1.17 3.32
CA TYR B 64 -3.41 1.92 3.27
C TYR B 64 -3.41 2.84 2.07
N LEU B 65 -2.65 3.95 2.20
CA LEU B 65 -2.57 4.98 1.18
C LEU B 65 -1.16 5.56 1.18
N LEU B 66 -0.75 6.11 0.04
CA LEU B 66 0.51 6.84 -0.08
C LEU B 66 0.20 8.24 -0.59
N TYR B 67 0.51 9.24 0.23
CA TYR B 67 0.42 10.63 -0.19
C TYR B 67 1.82 11.15 -0.48
N TYR B 68 1.94 11.89 -1.60
CA TYR B 68 3.26 12.35 -2.01
C TYR B 68 3.12 13.64 -2.81
N THR B 69 4.21 14.41 -2.84
CA THR B 69 4.31 15.62 -3.63
C THR B 69 5.79 15.92 -3.88
N GLU B 70 6.05 16.61 -4.97
CA GLU B 70 7.40 17.08 -5.27
C GLU B 70 7.68 18.36 -4.50
N PHE B 71 8.91 18.49 -3.99
CA PHE B 71 9.25 19.63 -3.16
C PHE B 71 10.75 19.89 -3.21
N THR B 72 11.12 21.08 -2.75
CA THR B 72 12.52 21.51 -2.69
C THR B 72 12.80 22.07 -1.30
N PRO B 73 13.50 21.33 -0.45
CA PRO B 73 13.77 21.81 0.90
C PRO B 73 14.80 22.94 0.90
N THR B 74 14.68 23.80 1.91
CA THR B 74 15.67 24.82 2.20
C THR B 74 16.23 24.59 3.61
N GLU B 75 16.98 25.57 4.11
CA GLU B 75 17.61 25.42 5.41
C GLU B 75 16.61 25.55 6.55
N LYS B 76 15.50 26.25 6.34
CA LYS B 76 14.56 26.59 7.40
C LYS B 76 13.28 25.76 7.39
N ASP B 77 12.89 25.23 6.25
CA ASP B 77 11.56 24.64 6.11
C ASP B 77 11.46 23.36 6.94
N GLU B 78 10.37 23.24 7.70
CA GLU B 78 9.98 22.00 8.35
C GLU B 78 8.82 21.40 7.59
N TYR B 79 8.81 20.07 7.47
CA TYR B 79 7.76 19.37 6.76
C TYR B 79 7.18 18.29 7.66
N ALA B 80 5.88 18.04 7.50
CA ALA B 80 5.19 17.08 8.35
C ALA B 80 3.97 16.54 7.61
N CYS B 81 3.34 15.53 8.22
CA CYS B 81 2.15 14.91 7.69
C CYS B 81 1.06 14.97 8.75
N ARG B 82 -0.10 15.51 8.38
CA ARG B 82 -1.23 15.65 9.29
C ARG B 82 -2.35 14.70 8.86
N VAL B 83 -2.79 13.86 9.81
CA VAL B 83 -3.78 12.83 9.52
C VAL B 83 -4.92 12.97 10.53
N ASN B 84 -6.15 12.92 10.04
CA ASN B 84 -7.34 12.92 10.88
C ASN B 84 -8.17 11.69 10.55
N HIS B 85 -8.65 11.01 11.59
CA HIS B 85 -9.39 9.77 11.45
C HIS B 85 -10.35 9.64 12.63
N VAL B 86 -11.41 8.86 12.43
CA VAL B 86 -12.43 8.70 13.47
C VAL B 86 -11.85 8.08 14.72
N THR B 87 -10.76 7.31 14.60
CA THR B 87 -10.10 6.73 15.76
C THR B 87 -9.27 7.73 16.54
N LEU B 88 -9.02 8.91 15.99
CA LEU B 88 -8.18 9.91 16.61
C LEU B 88 -9.01 10.96 17.32
N SER B 89 -8.62 11.29 18.55
CA SER B 89 -9.25 12.42 19.25
C SER B 89 -8.92 13.74 18.58
N GLN B 90 -7.66 13.92 18.21
CA GLN B 90 -7.14 15.10 17.54
C GLN B 90 -6.29 14.67 16.36
N PRO B 91 -6.14 15.53 15.36
CA PRO B 91 -5.27 15.18 14.23
C PRO B 91 -3.83 14.96 14.68
N LYS B 92 -3.26 13.82 14.28
CA LYS B 92 -1.88 13.50 14.60
C LYS B 92 -0.95 14.05 13.52
N ILE B 93 0.15 14.65 13.96
CA ILE B 93 1.14 15.24 13.06
C ILE B 93 2.44 14.48 13.23
N VAL B 94 2.97 13.97 12.13
CA VAL B 94 4.24 13.25 12.10
C VAL B 94 5.22 14.05 11.25
N LYS B 95 6.33 14.45 11.85
CA LYS B 95 7.30 15.30 11.17
C LYS B 95 8.13 14.49 10.18
N TRP B 96 8.61 15.18 9.15
CA TRP B 96 9.65 14.62 8.30
C TRP B 96 10.99 14.79 9.01
N ASP B 97 11.65 13.67 9.29
CA ASP B 97 12.86 13.66 10.11
C ASP B 97 14.07 13.82 9.20
N ARG B 98 14.48 15.06 8.95
CA ARG B 98 15.65 15.33 8.13
C ARG B 98 16.81 15.81 8.99
N ASP B 99 18.02 15.48 8.54
CA ASP B 99 19.26 15.82 9.24
C ASP B 99 19.89 17.01 8.51
N MET B 100 19.93 18.16 9.19
CA MET B 100 20.47 19.38 8.60
C MET B 100 21.98 19.51 8.77
N GLY B 101 22.66 18.42 9.11
CA GLY B 101 24.10 18.45 9.30
C GLY B 101 24.50 18.80 10.71
N SER B 102 25.81 18.86 10.92
CA SER B 102 26.35 19.20 12.22
C SER B 102 25.98 20.63 12.59
N LEU B 103 25.77 20.86 13.89
CA LEU B 103 25.26 22.15 14.34
C LEU B 103 26.38 23.18 14.49
N VAL B 104 27.29 22.95 15.43
CA VAL B 104 28.30 23.94 15.81
C VAL B 104 29.30 24.10 14.67
N PRO B 105 29.42 25.31 14.10
CA PRO B 105 30.34 25.60 12.99
C PRO B 105 31.80 25.47 13.40
C5 WU7 C . -19.17 -4.37 -6.21
C7 WU7 C . -26.28 -9.88 -6.35
C15 WU7 C . -18.70 -6.37 -7.69
C17 WU7 C . -19.97 -9.77 -6.38
C20 WU7 C . -15.26 -11.28 -9.02
C28 WU7 C . -17.70 -11.49 -8.58
C1 WU7 C . -19.51 -4.55 -3.71
C11 WU7 C . -28.02 -11.36 -7.49
C14 WU7 C . -24.60 -8.34 -2.93
C18 WU7 C . -14.06 -12.13 -9.40
C25 WU7 C . -11.84 -12.29 -11.55
C27 WU7 C . -19.14 -8.52 -6.59
C29 WU7 C . -10.07 -8.10 -15.96
C3 WU7 C . -20.18 -4.41 -5.06
C32 WU7 C . -9.50 -9.50 -15.74
C9 WU7 C . -18.45 -5.71 -6.33
N WU7 C . -27.25 -10.98 -6.30
C WU7 C . -20.19 -5.63 -2.88
O WU7 C . -24.70 -11.47 -7.27
C10 WU7 C . -19.75 -10.73 -7.56
C12 WU7 C . -27.65 -11.54 -4.98
C13 WU7 C . -28.26 -9.95 -6.05
C16 WU7 C . -25.23 -10.16 -7.42
C19 WU7 C . -12.77 -11.29 -9.44
C2 WU7 C . -19.99 -6.99 -3.53
C21 WU7 C . -11.63 -12.09 -10.06
C22 WU7 C . -20.84 -11.79 -7.60
C23 WU7 C . -16.36 -12.15 -8.40
C24 WU7 C . -25.62 -9.45 -2.72
C26 WU7 C . -19.53 -7.61 -7.49
C30 WU7 C . -10.65 -7.53 -14.66
C31 WU7 C . -11.06 -11.26 -12.35
C33 WU7 C . -9.98 -6.21 -14.29
C34 WU7 C . -10.51 -10.38 -15.01
C35 WU7 C . -10.99 -5.28 -13.64
C36 WU7 C . -27.01 -8.87 -2.62
C37 WU7 C . -10.05 -11.99 -13.21
C38 WU7 C . -9.79 -11.58 -14.45
C39 WU7 C . -10.30 -4.18 -12.85
C4 WU7 C . -20.78 -8.09 -2.83
C40 WU7 C . -11.29 -3.11 -12.42
C6 WU7 C . -22.23 -7.67 -2.67
C8 WU7 C . -23.17 -8.85 -2.76
N1 WU7 C . -18.44 -11.34 -7.48
O1 WU7 C . -22.12 -11.16 -7.62
O2 WU7 C . -19.58 -10.39 -5.16
O3 WU7 C . -18.07 -11.15 -9.68
O4 WU7 C . -23.22 -13.43 -7.94
O5 WU7 C . -23.65 -11.63 -9.59
P WU7 C . -23.43 -11.95 -8.13
C1 EDO D . -4.39 -5.40 -2.79
O1 EDO D . -5.07 -6.35 -1.97
C2 EDO D . -2.92 -5.80 -2.93
O2 EDO D . -2.29 -4.99 -3.93
C1 EDO E . 9.98 2.81 8.52
O1 EDO E . 9.18 1.66 8.81
C2 EDO E . 10.44 2.76 7.06
O2 EDO E . 11.18 1.55 6.85
C1 EDO F . 30.88 -2.94 6.38
O1 EDO F . 30.72 -4.36 6.48
C2 EDO F . 32.34 -2.59 6.62
O2 EDO F . 33.15 -3.19 5.59
C1 NAG G . -3.43 -13.06 -28.33
C2 NAG G . -2.03 -13.67 -28.35
C3 NAG G . -1.70 -14.19 -29.77
C4 NAG G . -2.82 -15.08 -30.28
C5 NAG G . -4.22 -14.49 -30.08
C6 NAG G . -5.31 -15.49 -30.36
C7 NAG G . -0.48 -11.65 -28.33
C8 NAG G . -1.01 -11.17 -29.65
N2 NAG G . -0.98 -12.80 -27.81
O3 NAG G . -0.47 -14.91 -29.75
O4 NAG G . -2.66 -15.24 -31.69
O5 NAG G . -4.39 -14.05 -28.72
O6 NAG G . -6.59 -14.94 -30.11
O7 NAG G . 0.40 -11.02 -27.73
C1 EDO H . 6.83 9.63 -4.65
O1 EDO H . 6.35 8.41 -4.08
C2 EDO H . 8.24 9.42 -5.18
O2 EDO H . 9.05 8.87 -4.14
#